data_4BY2
#
_entry.id   4BY2
#
_cell.length_a   58.640
_cell.length_b   69.910
_cell.length_c   69.980
_cell.angle_alpha   86.96
_cell.angle_beta   88.64
_cell.angle_gamma   67.69
#
_symmetry.space_group_name_H-M   'P 1'
#
loop_
_entity.id
_entity.type
_entity.pdbx_description
1 polymer 'ANASTRAL SPINDLE 2, SAS 4'
2 non-polymer 1,2-ETHANEDIOL
3 water water
#
_entity_poly.entity_id   1
_entity_poly.type   'polypeptide(L)'
_entity_poly.pdbx_seq_one_letter_code
;GPMGFVPETEDMLPRLAPRPSAAVPMGHTNEIIGPTVPEVSILFGQPPQDKAATPPPAANSSSDFKREITNADGSKDIWY
PNGNLKKISADGMNLRMLYFNKDIKETNIREGTVKYYYAETNTWHTSYLDGLEILEFPNGQTEHRRKDGTVEIHFPNNSI
KIVDPSDTEKLEEWRYADGTHLVQLRNGDKILNLPNGQKEIHTKLNKRREYPDGTVKLVYPDGSQETRYSNGRVRLKDKD
GKLIMDTDYAKY
;
_entity_poly.pdbx_strand_id   A,B,C
#
loop_
_chem_comp.id
_chem_comp.type
_chem_comp.name
_chem_comp.formula
EDO non-polymer 1,2-ETHANEDIOL 'C2 H6 O2'
#
# COMPACT_ATOMS: atom_id res chain seq x y z
N ASP A 11 -13.07 -16.54 -14.15
CA ASP A 11 -13.20 -15.80 -15.41
C ASP A 11 -13.83 -14.40 -15.18
N MET A 12 -13.69 -13.50 -16.19
CA MET A 12 -14.15 -12.11 -16.22
C MET A 12 -13.40 -11.22 -15.21
N LEU A 13 -12.61 -11.83 -14.30
CA LEU A 13 -11.78 -11.16 -13.30
C LEU A 13 -10.29 -11.35 -13.64
N PRO A 14 -9.45 -10.30 -13.51
CA PRO A 14 -8.02 -10.45 -13.86
C PRO A 14 -7.24 -11.34 -12.89
N ARG A 15 -6.20 -12.02 -13.41
CA ARG A 15 -5.31 -12.90 -12.66
C ARG A 15 -4.36 -12.07 -11.80
N LEU A 16 -3.82 -12.68 -10.73
CA LEU A 16 -2.85 -12.04 -9.84
C LEU A 16 -1.46 -12.16 -10.49
N ALA A 17 -0.80 -11.01 -10.72
CA ALA A 17 0.51 -10.91 -11.37
C ALA A 17 1.63 -11.67 -10.65
N PRO A 18 2.35 -12.57 -11.36
CA PRO A 18 3.43 -13.32 -10.69
C PRO A 18 4.71 -12.53 -10.46
N ARG A 19 5.58 -13.09 -9.63
CA ARG A 19 6.88 -12.55 -9.26
C ARG A 19 7.96 -13.49 -9.82
N PRO A 20 9.08 -12.98 -10.42
CA PRO A 20 10.12 -13.89 -10.93
C PRO A 20 10.85 -14.63 -9.81
N SER A 21 11.36 -15.84 -10.12
CA SER A 21 12.09 -16.67 -9.16
C SER A 21 13.46 -16.06 -8.86
N ALA A 22 13.82 -16.03 -7.56
CA ALA A 22 15.06 -15.47 -7.02
C ALA A 22 16.33 -15.87 -7.78
N ALA A 23 17.25 -14.91 -7.96
CA ALA A 23 18.53 -15.06 -8.66
C ALA A 23 19.49 -16.11 -8.06
N VAL A 24 19.25 -16.51 -6.78
CA VAL A 24 20.04 -17.51 -6.05
C VAL A 24 19.94 -18.91 -6.67
N PHE A 65 -27.12 -3.53 -20.50
CA PHE A 65 -25.76 -3.34 -20.01
C PHE A 65 -24.72 -4.22 -20.72
N LYS A 66 -25.06 -5.50 -20.96
CA LYS A 66 -24.19 -6.43 -21.69
C LYS A 66 -24.45 -6.25 -23.20
N ARG A 67 -23.54 -5.54 -23.89
CA ARG A 67 -23.65 -5.23 -25.32
C ARG A 67 -22.85 -6.22 -26.19
N GLU A 68 -23.56 -7.18 -26.81
CA GLU A 68 -22.98 -8.21 -27.68
C GLU A 68 -23.16 -7.81 -29.16
N ILE A 69 -22.21 -7.02 -29.69
CA ILE A 69 -22.26 -6.56 -31.08
C ILE A 69 -21.64 -7.63 -32.02
N THR A 70 -22.44 -8.11 -32.99
CA THR A 70 -22.06 -9.10 -33.99
C THR A 70 -21.80 -8.36 -35.32
N ASN A 71 -20.54 -8.38 -35.79
CA ASN A 71 -20.11 -7.73 -37.04
C ASN A 71 -20.64 -8.43 -38.30
N ALA A 72 -20.50 -7.77 -39.47
CA ALA A 72 -20.95 -8.27 -40.78
C ALA A 72 -20.31 -9.61 -41.18
N ASP A 73 -19.00 -9.77 -40.92
CA ASP A 73 -18.24 -10.99 -41.24
C ASP A 73 -18.60 -12.19 -40.34
N GLY A 74 -19.17 -11.91 -39.16
CA GLY A 74 -19.57 -12.93 -38.19
C GLY A 74 -18.82 -12.84 -36.87
N SER A 75 -17.77 -11.98 -36.81
CA SER A 75 -16.96 -11.77 -35.61
C SER A 75 -17.76 -10.99 -34.56
N LYS A 76 -17.65 -11.39 -33.29
CA LYS A 76 -18.39 -10.75 -32.19
C LYS A 76 -17.50 -9.95 -31.25
N ASP A 77 -18.05 -8.85 -30.71
CA ASP A 77 -17.41 -7.97 -29.73
C ASP A 77 -18.41 -7.81 -28.58
N ILE A 78 -18.03 -8.25 -27.37
CA ILE A 78 -18.90 -8.18 -26.20
C ILE A 78 -18.38 -7.15 -25.20
N TRP A 79 -19.20 -6.13 -24.92
CA TRP A 79 -18.88 -5.08 -23.94
C TRP A 79 -19.55 -5.43 -22.62
N TYR A 80 -18.73 -5.62 -21.58
CA TYR A 80 -19.21 -5.98 -20.24
C TYR A 80 -19.36 -4.74 -19.34
N PRO A 81 -20.26 -4.76 -18.31
CA PRO A 81 -20.45 -3.56 -17.48
C PRO A 81 -19.23 -3.10 -16.69
N ASN A 82 -18.38 -4.06 -16.26
CA ASN A 82 -17.13 -3.82 -15.49
C ASN A 82 -16.05 -3.06 -16.27
N GLY A 83 -16.11 -3.13 -17.61
CA GLY A 83 -15.16 -2.47 -18.50
C GLY A 83 -14.46 -3.39 -19.47
N ASN A 84 -14.70 -4.72 -19.35
CA ASN A 84 -14.10 -5.75 -20.21
C ASN A 84 -14.67 -5.76 -21.62
N LEU A 85 -13.82 -6.10 -22.60
CA LEU A 85 -14.17 -6.22 -24.00
C LEU A 85 -13.70 -7.57 -24.53
N LYS A 86 -14.65 -8.51 -24.74
CA LYS A 86 -14.36 -9.84 -25.24
C LYS A 86 -14.55 -9.87 -26.76
N LYS A 87 -13.47 -10.09 -27.52
CA LYS A 87 -13.53 -10.16 -28.98
C LYS A 87 -13.40 -11.62 -29.43
N ILE A 88 -14.39 -12.10 -30.19
CA ILE A 88 -14.42 -13.46 -30.72
C ILE A 88 -14.31 -13.41 -32.24
N SER A 89 -13.45 -14.25 -32.83
CA SER A 89 -13.26 -14.37 -34.29
C SER A 89 -14.51 -15.01 -34.90
N ALA A 90 -14.80 -14.71 -36.19
CA ALA A 90 -15.95 -15.23 -36.94
C ALA A 90 -16.12 -16.75 -36.83
N ASP A 91 -15.00 -17.48 -36.81
CA ASP A 91 -14.92 -18.95 -36.69
C ASP A 91 -15.10 -19.44 -35.24
N GLY A 92 -14.86 -18.56 -34.27
CA GLY A 92 -14.97 -18.85 -32.84
C GLY A 92 -13.79 -19.64 -32.30
N MET A 93 -12.62 -19.54 -32.96
CA MET A 93 -11.39 -20.25 -32.60
C MET A 93 -10.39 -19.33 -31.89
N ASN A 94 -10.36 -18.03 -32.26
CA ASN A 94 -9.49 -17.02 -31.67
C ASN A 94 -10.29 -16.01 -30.83
N LEU A 95 -10.04 -15.99 -29.52
CA LEU A 95 -10.72 -15.11 -28.56
C LEU A 95 -9.72 -14.20 -27.85
N ARG A 96 -10.14 -12.98 -27.47
CA ARG A 96 -9.30 -12.06 -26.70
C ARG A 96 -10.12 -11.18 -25.75
N MET A 97 -9.82 -11.28 -24.45
CA MET A 97 -10.50 -10.53 -23.39
C MET A 97 -9.63 -9.35 -23.00
N LEU A 98 -10.11 -8.13 -23.30
CA LEU A 98 -9.43 -6.87 -22.97
C LEU A 98 -10.01 -6.37 -21.65
N TYR A 99 -9.33 -6.70 -20.53
CA TYR A 99 -9.75 -6.33 -19.18
C TYR A 99 -9.66 -4.82 -18.90
N PHE A 100 -10.38 -4.35 -17.87
CA PHE A 100 -10.42 -2.96 -17.41
C PHE A 100 -9.05 -2.43 -16.98
N ASN A 101 -8.21 -3.31 -16.39
CA ASN A 101 -6.86 -2.99 -15.91
C ASN A 101 -5.76 -3.11 -17.00
N LYS A 102 -6.18 -3.10 -18.29
CA LYS A 102 -5.35 -3.18 -19.52
C LYS A 102 -4.75 -4.59 -19.77
N ASP A 103 -5.15 -5.60 -18.96
CA ASP A 103 -4.72 -6.99 -19.10
C ASP A 103 -5.38 -7.64 -20.31
N ILE A 104 -4.66 -8.52 -21.01
CA ILE A 104 -5.15 -9.21 -22.21
C ILE A 104 -5.09 -10.74 -22.02
N LYS A 105 -6.17 -11.45 -22.38
CA LYS A 105 -6.25 -12.91 -22.33
C LYS A 105 -6.62 -13.45 -23.73
N GLU A 106 -5.61 -13.98 -24.45
CA GLU A 106 -5.76 -14.56 -25.80
C GLU A 106 -5.98 -16.07 -25.74
N THR A 107 -7.07 -16.56 -26.34
CA THR A 107 -7.42 -17.99 -26.40
C THR A 107 -7.43 -18.45 -27.86
N ASN A 108 -6.39 -19.22 -28.25
CA ASN A 108 -6.23 -19.76 -29.59
C ASN A 108 -6.57 -21.25 -29.54
N ILE A 109 -7.76 -21.63 -30.03
CA ILE A 109 -8.26 -23.02 -30.02
C ILE A 109 -7.51 -23.86 -31.08
N ARG A 110 -7.09 -23.23 -32.19
CA ARG A 110 -6.36 -23.91 -33.26
C ARG A 110 -4.93 -24.26 -32.82
N GLU A 111 -4.28 -23.35 -32.08
CA GLU A 111 -2.92 -23.53 -31.58
C GLU A 111 -2.90 -24.17 -30.18
N GLY A 112 -4.07 -24.30 -29.54
CA GLY A 112 -4.23 -24.86 -28.20
C GLY A 112 -3.48 -24.08 -27.14
N THR A 113 -3.53 -22.73 -27.25
CA THR A 113 -2.80 -21.84 -26.34
C THR A 113 -3.65 -20.79 -25.65
N VAL A 114 -3.30 -20.50 -24.39
CA VAL A 114 -3.92 -19.45 -23.58
C VAL A 114 -2.77 -18.50 -23.21
N LYS A 115 -2.77 -17.31 -23.79
CA LYS A 115 -1.75 -16.28 -23.53
C LYS A 115 -2.35 -15.20 -22.63
N TYR A 116 -1.59 -14.75 -21.62
CA TYR A 116 -2.04 -13.72 -20.70
C TYR A 116 -0.99 -12.62 -20.54
N TYR A 117 -1.40 -11.36 -20.72
CA TYR A 117 -0.51 -10.22 -20.56
C TYR A 117 -0.85 -9.43 -19.30
N TYR A 118 0.07 -9.43 -18.31
CA TYR A 118 -0.06 -8.68 -17.07
C TYR A 118 0.49 -7.30 -17.38
N ALA A 119 -0.43 -6.37 -17.69
CA ALA A 119 -0.13 -5.00 -18.12
C ALA A 119 0.72 -4.19 -17.17
N GLU A 120 0.41 -4.25 -15.86
CA GLU A 120 1.11 -3.50 -14.80
C GLU A 120 2.58 -3.90 -14.68
N THR A 121 2.87 -5.21 -14.78
CA THR A 121 4.20 -5.78 -14.64
C THR A 121 4.90 -6.13 -15.98
N ASN A 122 4.26 -5.84 -17.14
CA ASN A 122 4.77 -6.10 -18.50
C ASN A 122 5.24 -7.57 -18.69
N THR A 123 4.44 -8.51 -18.15
CA THR A 123 4.73 -9.94 -18.16
C THR A 123 3.75 -10.73 -19.02
N TRP A 124 4.25 -11.76 -19.70
CA TRP A 124 3.48 -12.67 -20.53
C TRP A 124 3.44 -14.06 -19.91
N HIS A 125 2.28 -14.74 -19.99
CA HIS A 125 2.11 -16.11 -19.50
C HIS A 125 1.42 -16.97 -20.57
N THR A 126 2.14 -17.95 -21.12
CA THR A 126 1.59 -18.84 -22.16
C THR A 126 1.35 -20.24 -21.62
N SER A 127 0.11 -20.74 -21.77
CA SER A 127 -0.29 -22.08 -21.39
C SER A 127 -0.40 -22.91 -22.66
N TYR A 128 0.02 -24.18 -22.60
CA TYR A 128 -0.03 -25.11 -23.73
C TYR A 128 -0.90 -26.32 -23.39
N LEU A 129 -1.42 -27.00 -24.42
CA LEU A 129 -2.28 -28.18 -24.31
C LEU A 129 -1.64 -29.32 -23.50
N ASP A 130 -0.32 -29.53 -23.67
CA ASP A 130 0.45 -30.60 -22.99
C ASP A 130 0.70 -30.37 -21.50
N GLY A 131 0.41 -29.15 -21.02
CA GLY A 131 0.58 -28.78 -19.62
C GLY A 131 1.68 -27.77 -19.35
N LEU A 132 2.49 -27.45 -20.38
CA LEU A 132 3.59 -26.49 -20.27
C LEU A 132 3.10 -25.05 -20.09
N GLU A 133 3.69 -24.35 -19.10
CA GLU A 133 3.40 -22.95 -18.80
C GLU A 133 4.71 -22.17 -18.89
N ILE A 134 4.72 -21.12 -19.73
CA ILE A 134 5.89 -20.28 -19.95
C ILE A 134 5.62 -18.84 -19.50
N LEU A 135 6.47 -18.34 -18.59
CA LEU A 135 6.43 -16.97 -18.07
C LEU A 135 7.54 -16.16 -18.72
N GLU A 136 7.22 -14.95 -19.23
CA GLU A 136 8.19 -14.08 -19.90
C GLU A 136 8.24 -12.72 -19.19
N PHE A 137 9.34 -12.46 -18.48
CA PHE A 137 9.56 -11.22 -17.73
C PHE A 137 10.26 -10.14 -18.57
N PRO A 138 10.07 -8.82 -18.28
CA PRO A 138 10.69 -7.77 -19.12
C PRO A 138 12.22 -7.78 -19.27
N ASN A 139 12.95 -8.40 -18.32
CA ASN A 139 14.42 -8.48 -18.34
C ASN A 139 14.96 -9.64 -19.18
N GLY A 140 14.07 -10.41 -19.78
CA GLY A 140 14.43 -11.56 -20.60
C GLY A 140 14.33 -12.88 -19.86
N GLN A 141 13.97 -12.87 -18.55
CA GLN A 141 13.83 -14.08 -17.75
C GLN A 141 12.59 -14.88 -18.15
N THR A 142 12.80 -16.16 -18.51
CA THR A 142 11.73 -17.06 -18.95
C THR A 142 11.65 -18.28 -18.02
N GLU A 143 10.44 -18.57 -17.50
CA GLU A 143 10.21 -19.69 -16.58
C GLU A 143 9.30 -20.74 -17.22
N HIS A 144 9.79 -21.99 -17.31
CA HIS A 144 9.08 -23.11 -17.92
C HIS A 144 8.62 -24.09 -16.85
N ARG A 145 7.31 -24.36 -16.80
CA ARG A 145 6.73 -25.29 -15.82
C ARG A 145 5.87 -26.36 -16.49
N ARG A 146 6.29 -27.63 -16.36
CA ARG A 146 5.62 -28.80 -16.95
C ARG A 146 4.67 -29.50 -15.96
N LYS A 147 3.83 -30.42 -16.47
CA LYS A 147 2.85 -31.21 -15.72
C LYS A 147 3.47 -32.08 -14.62
N ASP A 148 4.63 -32.70 -14.90
CA ASP A 148 5.36 -33.58 -13.98
C ASP A 148 5.83 -32.88 -12.70
N GLY A 149 6.22 -31.62 -12.82
CA GLY A 149 6.70 -30.80 -11.71
C GLY A 149 8.01 -30.08 -11.98
N THR A 150 8.64 -30.36 -13.15
CA THR A 150 9.90 -29.75 -13.57
C THR A 150 9.77 -28.24 -13.78
N VAL A 151 10.72 -27.49 -13.20
CA VAL A 151 10.78 -26.04 -13.29
C VAL A 151 12.12 -25.68 -13.95
N GLU A 152 12.06 -24.91 -15.04
CA GLU A 152 13.24 -24.50 -15.81
C GLU A 152 13.32 -22.97 -15.96
N ILE A 153 14.17 -22.32 -15.15
CA ILE A 153 14.36 -20.87 -15.16
C ILE A 153 15.51 -20.49 -16.10
N HIS A 154 15.24 -19.62 -17.08
CA HIS A 154 16.21 -19.10 -18.03
C HIS A 154 16.51 -17.65 -17.63
N PHE A 155 17.63 -17.46 -16.91
CA PHE A 155 18.06 -16.15 -16.41
C PHE A 155 18.58 -15.21 -17.52
N PRO A 156 18.55 -13.86 -17.33
CA PRO A 156 19.04 -12.96 -18.40
C PRO A 156 20.52 -13.10 -18.79
N ASN A 157 21.34 -13.71 -17.90
CA ASN A 157 22.77 -13.94 -18.13
C ASN A 157 23.04 -15.29 -18.85
N ASN A 158 21.99 -15.83 -19.52
CA ASN A 158 21.96 -17.08 -20.29
C ASN A 158 22.18 -18.36 -19.45
N SER A 159 22.12 -18.25 -18.10
CA SER A 159 22.24 -19.39 -17.18
C SER A 159 20.88 -20.04 -16.99
N ILE A 160 20.84 -21.38 -17.00
CA ILE A 160 19.59 -22.14 -16.85
C ILE A 160 19.60 -22.94 -15.55
N LYS A 161 18.53 -22.80 -14.74
CA LYS A 161 18.35 -23.52 -13.48
C LYS A 161 17.24 -24.57 -13.67
N ILE A 162 17.59 -25.84 -13.50
CA ILE A 162 16.66 -26.98 -13.65
C ILE A 162 16.39 -27.58 -12.26
N VAL A 163 15.11 -27.75 -11.90
CA VAL A 163 14.68 -28.28 -10.59
C VAL A 163 13.43 -29.17 -10.71
N ASP A 164 13.49 -30.35 -10.07
CA ASP A 164 12.43 -31.36 -10.06
C ASP A 164 12.36 -32.05 -8.68
N PRO A 165 11.26 -31.87 -7.90
CA PRO A 165 11.18 -32.54 -6.59
C PRO A 165 10.68 -33.99 -6.70
N SER A 166 11.17 -34.72 -7.72
CA SER A 166 10.82 -36.12 -7.99
C SER A 166 11.80 -37.06 -7.30
N ASP A 167 13.01 -37.25 -7.90
CA ASP A 167 14.06 -38.12 -7.37
C ASP A 167 14.70 -37.57 -6.09
N THR A 168 15.03 -36.27 -6.09
CA THR A 168 15.70 -35.51 -5.03
C THR A 168 16.98 -36.25 -4.54
N GLU A 169 17.74 -36.76 -5.51
CA GLU A 169 19.07 -37.37 -5.35
C GLU A 169 19.93 -36.14 -5.56
N LYS A 170 19.55 -35.37 -6.63
CA LYS A 170 20.11 -34.10 -7.09
C LYS A 170 19.09 -32.97 -6.79
N LEU A 171 19.50 -32.00 -5.97
CA LEU A 171 18.66 -30.87 -5.56
C LEU A 171 18.35 -29.90 -6.71
N GLU A 172 19.38 -29.34 -7.35
CA GLU A 172 19.26 -28.38 -8.46
C GLU A 172 20.38 -28.60 -9.48
N GLU A 173 20.07 -28.35 -10.77
CA GLU A 173 21.02 -28.44 -11.88
C GLU A 173 21.19 -27.10 -12.56
N TRP A 174 22.42 -26.79 -12.95
CA TRP A 174 22.77 -25.52 -13.58
C TRP A 174 23.50 -25.70 -14.90
N ARG A 175 23.13 -24.90 -15.91
CA ARG A 175 23.76 -24.90 -17.23
C ARG A 175 24.12 -23.46 -17.59
N TYR A 176 25.41 -23.14 -17.57
CA TYR A 176 25.94 -21.80 -17.84
C TYR A 176 26.19 -21.52 -19.32
N ALA A 177 26.37 -20.23 -19.67
CA ALA A 177 26.60 -19.74 -21.04
C ALA A 177 27.83 -20.34 -21.72
N ASP A 178 28.92 -20.57 -20.96
CA ASP A 178 30.17 -21.16 -21.44
C ASP A 178 30.03 -22.65 -21.77
N GLY A 179 29.13 -23.32 -21.06
CA GLY A 179 28.86 -24.74 -21.25
C GLY A 179 28.96 -25.57 -19.98
N THR A 180 29.37 -24.95 -18.86
CA THR A 180 29.55 -25.59 -17.54
C THR A 180 28.24 -26.14 -17.00
N HIS A 181 28.26 -27.38 -16.51
CA HIS A 181 27.10 -28.07 -15.94
C HIS A 181 27.33 -28.46 -14.48
N LEU A 182 26.69 -27.71 -13.56
CA LEU A 182 26.78 -27.94 -12.11
C LEU A 182 25.58 -28.74 -11.60
N VAL A 183 25.85 -29.82 -10.86
CA VAL A 183 24.83 -30.69 -10.28
C VAL A 183 24.95 -30.70 -8.76
N GLN A 184 24.00 -30.05 -8.08
CA GLN A 184 23.94 -30.01 -6.62
C GLN A 184 23.12 -31.21 -6.16
N LEU A 185 23.59 -31.93 -5.14
CA LEU A 185 22.93 -33.13 -4.62
C LEU A 185 22.21 -32.80 -3.30
N ARG A 186 21.26 -33.67 -2.88
CA ARG A 186 20.48 -33.50 -1.65
C ARG A 186 21.36 -33.62 -0.40
N ASN A 187 22.29 -34.62 -0.40
CA ASN A 187 23.22 -34.90 0.71
C ASN A 187 24.28 -33.79 0.93
N GLY A 188 24.36 -32.82 0.00
CA GLY A 188 25.29 -31.70 0.07
C GLY A 188 26.40 -31.75 -0.96
N ASP A 189 26.60 -32.92 -1.59
CA ASP A 189 27.64 -33.14 -2.60
C ASP A 189 27.39 -32.34 -3.89
N LYS A 190 28.44 -32.12 -4.70
CA LYS A 190 28.38 -31.37 -5.95
C LYS A 190 29.15 -32.07 -7.07
N ILE A 191 28.60 -32.05 -8.30
CA ILE A 191 29.22 -32.61 -9.51
C ILE A 191 29.36 -31.48 -10.53
N LEU A 192 30.60 -31.04 -10.78
CA LEU A 192 30.86 -29.94 -11.71
C LEU A 192 31.48 -30.44 -13.02
N ASN A 193 30.70 -30.40 -14.11
CA ASN A 193 31.12 -30.81 -15.45
C ASN A 193 31.58 -29.59 -16.25
N LEU A 194 32.90 -29.36 -16.28
CA LEU A 194 33.55 -28.24 -16.98
C LEU A 194 33.41 -28.40 -18.52
N PRO A 195 33.45 -27.29 -19.32
CA PRO A 195 33.32 -27.45 -20.77
C PRO A 195 34.52 -28.11 -21.47
N ASN A 196 35.73 -28.01 -20.84
CA ASN A 196 36.98 -28.58 -21.36
C ASN A 196 37.09 -30.11 -21.18
N GLY A 197 36.19 -30.69 -20.38
CA GLY A 197 36.17 -32.13 -20.13
C GLY A 197 36.40 -32.54 -18.68
N GLN A 198 36.85 -31.59 -17.83
CA GLN A 198 37.12 -31.81 -16.41
C GLN A 198 35.84 -32.12 -15.62
N LYS A 199 35.92 -33.12 -14.73
CA LYS A 199 34.79 -33.53 -13.88
C LYS A 199 35.19 -33.40 -12.40
N GLU A 200 34.59 -32.42 -11.70
CA GLU A 200 34.84 -32.15 -10.29
C GLU A 200 33.81 -32.83 -9.40
N ILE A 201 34.27 -33.74 -8.53
CA ILE A 201 33.42 -34.46 -7.58
C ILE A 201 33.70 -33.91 -6.18
N HIS A 202 32.77 -33.09 -5.67
CA HIS A 202 32.85 -32.45 -4.36
C HIS A 202 32.09 -33.31 -3.34
N THR A 203 32.79 -33.74 -2.28
CA THR A 203 32.22 -34.57 -1.21
C THR A 203 32.34 -33.85 0.15
N LYS A 204 31.57 -34.31 1.17
CA LYS A 204 31.54 -33.78 2.54
C LYS A 204 32.93 -33.68 3.17
N ASP B 11 -5.08 4.19 -19.78
CA ASP B 11 -4.68 3.67 -18.47
C ASP B 11 -3.96 4.71 -17.59
N MET B 12 -3.57 5.86 -18.20
CA MET B 12 -2.86 6.97 -17.56
C MET B 12 -3.75 7.85 -16.65
N LEU B 13 -4.63 7.22 -15.85
CA LEU B 13 -5.56 7.89 -14.95
C LEU B 13 -5.11 7.82 -13.48
N PRO B 14 -4.93 8.97 -12.78
CA PRO B 14 -4.51 8.91 -11.37
C PRO B 14 -5.62 8.39 -10.45
N ARG B 15 -5.24 7.60 -9.44
CA ARG B 15 -6.14 6.98 -8.46
C ARG B 15 -6.84 8.01 -7.57
N LEU B 16 -8.01 7.65 -7.02
CA LEU B 16 -8.77 8.49 -6.09
C LEU B 16 -8.14 8.34 -4.70
N ALA B 17 -7.89 9.47 -4.01
CA ALA B 17 -7.26 9.50 -2.69
C ALA B 17 -8.08 8.83 -1.58
N PRO B 18 -7.50 7.86 -0.84
CA PRO B 18 -8.27 7.20 0.23
C PRO B 18 -8.34 8.04 1.51
N ARG B 19 -9.50 8.01 2.18
CA ARG B 19 -9.75 8.74 3.42
C ARG B 19 -9.20 7.94 4.62
N PRO B 20 -8.57 8.57 5.64
CA PRO B 20 -8.07 7.79 6.79
C PRO B 20 -9.21 7.26 7.66
N SER B 21 -8.99 6.10 8.31
CA SER B 21 -10.00 5.49 9.17
C SER B 21 -10.14 6.23 10.50
N ALA B 22 -11.37 6.30 11.01
CA ALA B 22 -11.70 6.92 12.29
C ALA B 22 -11.39 5.94 13.42
N ALA B 23 -11.06 6.46 14.61
CA ALA B 23 -10.73 5.66 15.79
C ALA B 23 -11.96 4.88 16.28
N VAL B 24 -13.07 5.59 16.58
CA VAL B 24 -14.34 5.02 17.05
C VAL B 24 -15.46 5.50 16.09
N PRO B 25 -15.67 4.84 14.93
CA PRO B 25 -16.74 5.30 14.01
C PRO B 25 -18.13 4.83 14.43
N PHE B 65 3.48 12.64 -30.87
CA PHE B 65 2.96 13.24 -29.64
C PHE B 65 3.48 12.54 -28.38
N LYS B 66 3.70 11.22 -28.46
CA LYS B 66 4.24 10.42 -27.35
C LYS B 66 5.75 10.28 -27.57
N ARG B 67 6.54 10.90 -26.67
CA ARG B 67 8.01 10.91 -26.75
C ARG B 67 8.66 9.76 -25.96
N GLU B 68 9.04 8.69 -26.66
CA GLU B 68 9.70 7.53 -26.05
C GLU B 68 11.23 7.68 -26.21
N ILE B 69 11.90 8.14 -25.14
CA ILE B 69 13.36 8.34 -25.13
C ILE B 69 14.05 7.13 -24.50
N THR B 70 14.96 6.50 -25.26
CA THR B 70 15.74 5.36 -24.82
C THR B 70 17.17 5.86 -24.63
N ASN B 71 17.59 6.02 -23.36
CA ASN B 71 18.93 6.50 -22.99
C ASN B 71 20.05 5.53 -23.41
N ALA B 72 21.32 5.98 -23.32
CA ALA B 72 22.50 5.19 -23.68
C ALA B 72 22.63 3.91 -22.83
N ASP B 73 22.32 3.99 -21.52
CA ASP B 73 22.39 2.86 -20.58
C ASP B 73 21.31 1.79 -20.81
N GLY B 74 20.22 2.18 -21.49
CA GLY B 74 19.09 1.30 -21.78
C GLY B 74 17.80 1.72 -21.11
N SER B 75 17.90 2.59 -20.08
CA SER B 75 16.76 3.11 -19.32
C SER B 75 15.88 3.99 -20.21
N LYS B 76 14.57 4.00 -19.96
CA LYS B 76 13.61 4.76 -20.76
C LYS B 76 12.95 5.91 -19.99
N ASP B 77 12.48 6.92 -20.74
CA ASP B 77 11.76 8.10 -20.27
C ASP B 77 10.68 8.40 -21.31
N ILE B 78 9.41 8.11 -20.99
CA ILE B 78 8.29 8.30 -21.90
C ILE B 78 7.47 9.52 -21.50
N TRP B 79 7.29 10.45 -22.45
CA TRP B 79 6.52 11.67 -22.24
C TRP B 79 5.18 11.53 -22.95
N TYR B 80 4.10 11.82 -22.22
CA TYR B 80 2.73 11.71 -22.70
C TYR B 80 2.12 13.10 -22.91
N PRO B 81 1.12 13.25 -23.82
CA PRO B 81 0.51 14.59 -24.04
C PRO B 81 -0.19 15.18 -22.80
N ASN B 82 -0.82 14.31 -21.97
CA ASN B 82 -1.53 14.71 -20.75
C ASN B 82 -0.62 15.33 -19.67
N GLY B 83 0.66 14.97 -19.71
CA GLY B 83 1.66 15.47 -18.77
C GLY B 83 2.37 14.40 -17.97
N ASN B 84 2.05 13.12 -18.23
CA ASN B 84 2.64 11.97 -17.53
C ASN B 84 4.03 11.62 -18.03
N LEU B 85 4.91 11.22 -17.10
CA LEU B 85 6.28 10.80 -17.39
C LEU B 85 6.51 9.40 -16.82
N LYS B 86 6.68 8.41 -17.71
CA LYS B 86 6.93 7.01 -17.34
C LYS B 86 8.42 6.69 -17.48
N LYS B 87 9.06 6.37 -16.35
CA LYS B 87 10.47 5.99 -16.32
C LYS B 87 10.58 4.47 -16.18
N ILE B 88 11.43 3.86 -17.00
CA ILE B 88 11.69 2.42 -17.02
C ILE B 88 13.19 2.21 -16.82
N SER B 89 13.58 1.25 -15.96
CA SER B 89 14.99 0.91 -15.72
C SER B 89 15.57 0.14 -16.91
N ALA B 90 16.91 0.04 -17.00
CA ALA B 90 17.60 -0.66 -18.10
C ALA B 90 17.10 -2.11 -18.30
N ASP B 91 16.87 -2.84 -17.19
CA ASP B 91 16.36 -4.21 -17.18
C ASP B 91 14.83 -4.28 -17.39
N GLY B 92 14.15 -3.15 -17.25
CA GLY B 92 12.70 -3.05 -17.40
C GLY B 92 11.90 -3.64 -16.26
N MET B 93 12.57 -3.92 -15.11
CA MET B 93 11.96 -4.53 -13.92
C MET B 93 11.46 -3.51 -12.88
N ASN B 94 11.95 -2.27 -12.96
CA ASN B 94 11.56 -1.18 -12.06
C ASN B 94 10.97 -0.02 -12.84
N LEU B 95 9.66 0.20 -12.67
CA LEU B 95 8.90 1.26 -13.34
C LEU B 95 8.54 2.37 -12.35
N ARG B 96 8.29 3.59 -12.86
CA ARG B 96 7.91 4.77 -12.08
C ARG B 96 7.13 5.75 -12.95
N MET B 97 5.84 5.93 -12.65
CA MET B 97 4.95 6.84 -13.38
C MET B 97 4.73 8.12 -12.58
N LEU B 98 5.18 9.26 -13.14
CA LEU B 98 5.03 10.58 -12.54
C LEU B 98 3.86 11.27 -13.23
N TYR B 99 2.70 11.29 -12.55
CA TYR B 99 1.46 11.89 -13.05
C TYR B 99 1.51 13.42 -13.08
N PHE B 100 0.58 14.03 -13.86
CA PHE B 100 0.44 15.50 -14.00
C PHE B 100 0.12 16.20 -12.67
N ASN B 101 -0.64 15.51 -11.78
CA ASN B 101 -1.04 16.03 -10.46
C ASN B 101 0.00 15.72 -9.36
N LYS B 102 1.26 15.45 -9.77
CA LYS B 102 2.43 15.14 -8.94
C LYS B 102 2.36 13.78 -8.20
N ASP B 103 1.37 12.92 -8.55
CA ASP B 103 1.22 11.57 -7.99
C ASP B 103 2.31 10.67 -8.56
N ILE B 104 2.82 9.71 -7.77
CA ILE B 104 3.89 8.80 -8.18
C ILE B 104 3.46 7.33 -8.02
N LYS B 105 3.53 6.54 -9.11
CA LYS B 105 3.24 5.11 -9.06
C LYS B 105 4.48 4.33 -9.46
N GLU B 106 5.19 3.77 -8.47
CA GLU B 106 6.39 2.98 -8.71
C GLU B 106 6.12 1.48 -8.54
N THR B 107 6.43 0.69 -9.58
CA THR B 107 6.23 -0.75 -9.66
C THR B 107 7.59 -1.48 -9.61
N ASN B 108 7.70 -2.50 -8.73
CA ASN B 108 8.89 -3.34 -8.62
C ASN B 108 8.46 -4.76 -9.00
N ILE B 109 8.72 -5.14 -10.27
CA ILE B 109 8.32 -6.44 -10.83
C ILE B 109 9.01 -7.58 -10.08
N ARG B 110 10.31 -7.41 -9.76
CA ARG B 110 11.15 -8.37 -9.03
C ARG B 110 10.62 -8.66 -7.62
N GLU B 111 10.01 -7.67 -6.94
CA GLU B 111 9.46 -7.81 -5.59
C GLU B 111 7.93 -8.05 -5.57
N GLY B 112 7.26 -7.77 -6.69
CA GLY B 112 5.82 -7.89 -6.84
C GLY B 112 5.08 -6.80 -6.10
N THR B 113 5.74 -5.64 -5.94
CA THR B 113 5.27 -4.47 -5.19
C THR B 113 4.83 -3.30 -6.07
N VAL B 114 3.76 -2.60 -5.64
CA VAL B 114 3.21 -1.40 -6.30
C VAL B 114 3.06 -0.32 -5.22
N LYS B 115 3.92 0.72 -5.28
CA LYS B 115 3.88 1.86 -4.37
C LYS B 115 3.21 3.03 -5.08
N TYR B 116 2.24 3.68 -4.42
CA TYR B 116 1.52 4.83 -4.96
C TYR B 116 1.54 5.98 -3.97
N TYR B 117 1.94 7.16 -4.44
CA TYR B 117 1.97 8.39 -3.65
C TYR B 117 0.84 9.29 -4.12
N TYR B 118 -0.02 9.69 -3.18
CA TYR B 118 -1.15 10.60 -3.42
C TYR B 118 -0.64 11.95 -2.95
N ALA B 119 -0.17 12.78 -3.91
CA ALA B 119 0.47 14.08 -3.71
C ALA B 119 -0.34 15.08 -2.88
N GLU B 120 -1.64 15.23 -3.19
CA GLU B 120 -2.54 16.17 -2.52
C GLU B 120 -2.72 15.87 -1.04
N THR B 121 -2.78 14.57 -0.68
CA THR B 121 -2.98 14.13 0.71
C THR B 121 -1.70 13.63 1.41
N ASN B 122 -0.54 13.60 0.69
CA ASN B 122 0.77 13.15 1.19
C ASN B 122 0.71 11.71 1.78
N THR B 123 -0.07 10.84 1.12
CA THR B 123 -0.30 9.44 1.51
C THR B 123 0.47 8.47 0.61
N TRP B 124 1.07 7.43 1.21
CA TRP B 124 1.79 6.36 0.52
C TRP B 124 1.01 5.04 0.64
N HIS B 125 0.73 4.39 -0.50
CA HIS B 125 0.00 3.12 -0.57
C HIS B 125 0.84 2.03 -1.23
N THR B 126 1.24 1.02 -0.44
CA THR B 126 2.04 -0.11 -0.90
C THR B 126 1.18 -1.37 -1.00
N SER B 127 1.26 -2.07 -2.14
CA SER B 127 0.55 -3.32 -2.39
C SER B 127 1.58 -4.44 -2.55
N TYR B 128 1.44 -5.51 -1.77
CA TYR B 128 2.36 -6.66 -1.83
C TYR B 128 1.69 -7.82 -2.56
N LEU B 129 2.52 -8.75 -3.06
CA LEU B 129 2.10 -9.94 -3.80
C LEU B 129 1.06 -10.78 -3.02
N ASP B 130 1.31 -11.01 -1.71
CA ASP B 130 0.47 -11.80 -0.80
C ASP B 130 -0.92 -11.20 -0.47
N GLY B 131 -1.21 -10.00 -0.98
CA GLY B 131 -2.49 -9.32 -0.76
C GLY B 131 -2.47 -8.23 0.29
N LEU B 132 -1.32 -8.05 0.99
CA LEU B 132 -1.17 -7.02 2.02
C LEU B 132 -1.09 -5.62 1.40
N GLU B 133 -1.87 -4.69 1.98
CA GLU B 133 -1.94 -3.30 1.57
C GLU B 133 -1.64 -2.37 2.76
N ILE B 134 -0.48 -1.68 2.70
CA ILE B 134 -0.03 -0.75 3.73
C ILE B 134 -0.30 0.69 3.30
N LEU B 135 -1.18 1.39 4.03
CA LEU B 135 -1.51 2.79 3.79
C LEU B 135 -0.84 3.66 4.85
N GLU B 136 0.14 4.47 4.44
CA GLU B 136 0.87 5.38 5.32
C GLU B 136 0.28 6.77 5.14
N PHE B 137 -0.54 7.19 6.10
CA PHE B 137 -1.16 8.51 6.07
C PHE B 137 -0.28 9.49 6.83
N PRO B 138 -0.42 10.84 6.62
CA PRO B 138 0.36 11.78 7.44
C PRO B 138 -0.06 11.69 8.91
N ASN B 139 0.74 12.29 9.81
CA ASN B 139 0.49 12.31 11.26
C ASN B 139 0.62 10.93 11.92
N GLY B 140 1.43 10.06 11.32
CA GLY B 140 1.73 8.74 11.87
C GLY B 140 0.66 7.67 11.85
N GLN B 141 -0.40 7.82 11.03
CA GLN B 141 -1.42 6.78 10.94
C GLN B 141 -1.09 5.78 9.82
N THR B 142 -0.88 4.52 10.21
CA THR B 142 -0.56 3.43 9.28
C THR B 142 -1.66 2.36 9.34
N GLU B 143 -2.20 2.00 8.18
CA GLU B 143 -3.28 1.00 8.05
C GLU B 143 -2.82 -0.22 7.26
N HIS B 144 -2.94 -1.41 7.89
CA HIS B 144 -2.58 -2.71 7.30
C HIS B 144 -3.85 -3.45 6.91
N ARG B 145 -3.98 -3.81 5.63
CA ARG B 145 -5.14 -4.55 5.13
C ARG B 145 -4.74 -5.83 4.44
N ARG B 146 -5.39 -6.95 4.80
CA ARG B 146 -5.11 -8.25 4.23
C ARG B 146 -6.27 -8.77 3.38
N LYS B 147 -5.97 -9.75 2.50
CA LYS B 147 -6.93 -10.40 1.58
C LYS B 147 -8.16 -10.98 2.29
N ASP B 148 -7.94 -11.63 3.46
CA ASP B 148 -8.97 -12.24 4.30
C ASP B 148 -10.02 -11.23 4.80
N GLY B 149 -9.58 -10.03 5.15
CA GLY B 149 -10.44 -8.96 5.63
C GLY B 149 -9.96 -8.26 6.88
N THR B 150 -8.87 -8.76 7.49
CA THR B 150 -8.27 -8.21 8.71
C THR B 150 -7.63 -6.85 8.48
N VAL B 151 -7.99 -5.86 9.32
CA VAL B 151 -7.44 -4.50 9.27
C VAL B 151 -6.71 -4.18 10.59
N GLU B 152 -5.47 -3.72 10.50
CA GLU B 152 -4.63 -3.35 11.63
C GLU B 152 -4.22 -1.88 11.50
N ILE B 153 -4.84 -1.00 12.31
CA ILE B 153 -4.56 0.44 12.27
C ILE B 153 -3.69 0.88 13.44
N HIS B 154 -2.52 1.43 13.11
CA HIS B 154 -1.57 2.00 14.06
C HIS B 154 -1.87 3.49 14.08
N PHE B 155 -2.54 3.96 15.14
CA PHE B 155 -2.95 5.35 15.31
C PHE B 155 -1.84 6.28 15.82
N PRO B 156 -1.98 7.63 15.64
CA PRO B 156 -0.93 8.56 16.11
C PRO B 156 -0.62 8.54 17.61
N ASN B 157 -1.59 8.17 18.46
CA ASN B 157 -1.41 8.11 19.91
C ASN B 157 -0.73 6.80 20.39
N ASN B 158 -0.14 6.03 19.45
CA ASN B 158 0.55 4.75 19.64
C ASN B 158 -0.40 3.61 20.06
N SER B 159 -1.67 3.71 19.64
CA SER B 159 -2.70 2.68 19.88
C SER B 159 -2.87 1.87 18.60
N ILE B 160 -3.20 0.58 18.73
CA ILE B 160 -3.40 -0.31 17.59
C ILE B 160 -4.82 -0.88 17.62
N LYS B 161 -5.56 -0.75 16.50
CA LYS B 161 -6.91 -1.29 16.38
C LYS B 161 -6.88 -2.48 15.41
N ILE B 162 -7.37 -3.65 15.87
CA ILE B 162 -7.42 -4.88 15.08
C ILE B 162 -8.90 -5.27 14.88
N VAL B 163 -9.36 -5.25 13.61
CA VAL B 163 -10.74 -5.61 13.27
C VAL B 163 -10.74 -6.83 12.35
N ASP B 164 -11.43 -7.89 12.79
CA ASP B 164 -11.54 -9.15 12.06
C ASP B 164 -13.01 -9.53 11.87
N PRO B 165 -13.57 -9.37 10.63
CA PRO B 165 -14.98 -9.74 10.41
C PRO B 165 -15.19 -11.26 10.36
N SER B 166 -14.10 -12.03 10.13
CA SER B 166 -14.11 -13.50 10.07
C SER B 166 -14.32 -14.10 11.47
N ASP B 167 -13.87 -13.39 12.54
CA ASP B 167 -14.02 -13.83 13.92
C ASP B 167 -15.49 -13.65 14.34
N THR B 168 -16.13 -14.78 14.69
CA THR B 168 -17.55 -14.85 15.08
C THR B 168 -17.80 -14.32 16.51
N GLU B 169 -16.74 -14.21 17.34
CA GLU B 169 -16.85 -13.74 18.73
C GLU B 169 -16.37 -12.30 18.93
N LYS B 170 -15.12 -12.00 18.52
CA LYS B 170 -14.46 -10.69 18.66
C LYS B 170 -14.96 -9.67 17.65
N LEU B 171 -15.25 -8.44 18.11
CA LEU B 171 -15.68 -7.32 17.27
C LEU B 171 -14.44 -6.49 16.89
N GLU B 172 -13.69 -6.02 17.90
CA GLU B 172 -12.46 -5.24 17.72
C GLU B 172 -11.48 -5.42 18.89
N GLU B 173 -10.18 -5.41 18.57
CA GLU B 173 -9.09 -5.55 19.55
C GLU B 173 -8.30 -4.24 19.62
N TRP B 174 -7.87 -3.87 20.84
CA TRP B 174 -7.10 -2.65 21.08
C TRP B 174 -5.85 -2.96 21.88
N ARG B 175 -4.70 -2.43 21.42
CA ARG B 175 -3.41 -2.57 22.08
C ARG B 175 -2.89 -1.16 22.30
N TYR B 176 -2.88 -0.71 23.58
CA TYR B 176 -2.48 0.65 23.95
C TYR B 176 -0.99 0.77 24.28
N ALA B 177 -0.49 2.03 24.36
CA ALA B 177 0.92 2.38 24.64
C ALA B 177 1.45 1.80 25.96
N ASP B 178 0.66 1.89 27.04
CA ASP B 178 1.00 1.39 28.39
C ASP B 178 1.16 -0.14 28.46
N GLY B 179 0.53 -0.85 27.52
CA GLY B 179 0.57 -2.31 27.44
C GLY B 179 -0.80 -2.96 27.52
N THR B 180 -1.85 -2.16 27.86
CA THR B 180 -3.23 -2.60 28.01
C THR B 180 -3.78 -3.22 26.72
N HIS B 181 -4.38 -4.41 26.85
CA HIS B 181 -4.98 -5.14 25.74
C HIS B 181 -6.48 -5.30 25.98
N LEU B 182 -7.30 -4.63 25.14
CA LEU B 182 -8.75 -4.66 25.23
C LEU B 182 -9.35 -5.51 24.11
N VAL B 183 -10.27 -6.43 24.47
CA VAL B 183 -10.97 -7.29 23.53
C VAL B 183 -12.48 -7.01 23.66
N GLN B 184 -13.06 -6.39 22.63
CA GLN B 184 -14.48 -6.08 22.57
C GLN B 184 -15.20 -7.20 21.84
N LEU B 185 -16.25 -7.76 22.47
CA LEU B 185 -17.05 -8.84 21.89
C LEU B 185 -18.35 -8.30 21.29
N ARG B 186 -18.94 -9.04 20.33
CA ARG B 186 -20.15 -8.60 19.64
C ARG B 186 -21.40 -8.58 20.54
N ASN B 187 -21.41 -9.37 21.64
CA ASN B 187 -22.51 -9.40 22.61
C ASN B 187 -22.57 -8.12 23.47
N GLY B 188 -21.42 -7.46 23.63
CA GLY B 188 -21.28 -6.22 24.39
C GLY B 188 -20.24 -6.29 25.49
N ASP B 189 -19.66 -7.49 25.72
CA ASP B 189 -18.65 -7.73 26.75
C ASP B 189 -17.26 -7.21 26.37
N LYS B 190 -16.46 -6.83 27.39
CA LYS B 190 -15.09 -6.32 27.24
C LYS B 190 -14.11 -7.17 28.06
N ILE B 191 -12.93 -7.47 27.49
CA ILE B 191 -11.87 -8.23 28.16
C ILE B 191 -10.60 -7.38 28.20
N LEU B 192 -10.22 -6.90 29.41
CA LEU B 192 -9.02 -6.09 29.60
C LEU B 192 -7.86 -6.92 30.16
N ASN B 193 -6.66 -6.72 29.61
CA ASN B 193 -5.44 -7.38 30.04
C ASN B 193 -4.40 -6.31 30.36
N LEU B 194 -4.47 -5.77 31.59
CA LEU B 194 -3.61 -4.71 32.11
C LEU B 194 -2.11 -5.07 32.14
N PRO B 195 -1.19 -4.09 31.96
CA PRO B 195 0.26 -4.41 31.98
C PRO B 195 0.77 -4.90 33.34
N ASN B 196 0.08 -4.51 34.43
CA ASN B 196 0.40 -4.90 35.80
C ASN B 196 0.13 -6.39 36.10
N GLY B 197 -0.70 -7.03 35.27
CA GLY B 197 -1.04 -8.44 35.39
C GLY B 197 -2.51 -8.75 35.61
N GLN B 198 -3.30 -7.74 36.00
CA GLN B 198 -4.74 -7.88 36.28
C GLN B 198 -5.57 -8.08 35.02
N LYS B 199 -6.50 -9.04 35.04
CA LYS B 199 -7.44 -9.32 33.95
C LYS B 199 -8.81 -8.80 34.36
N GLU B 200 -9.53 -8.16 33.42
CA GLU B 200 -10.85 -7.57 33.69
C GLU B 200 -11.91 -8.07 32.72
N ILE B 201 -13.02 -8.60 33.26
CA ILE B 201 -14.14 -9.10 32.46
C ILE B 201 -15.36 -8.21 32.73
N HIS B 202 -15.81 -7.48 31.70
CA HIS B 202 -16.94 -6.57 31.78
C HIS B 202 -18.17 -7.22 31.13
N THR B 203 -19.03 -7.85 31.94
CA THR B 203 -20.24 -8.54 31.46
C THR B 203 -21.45 -7.59 31.46
N LYS B 204 -22.44 -7.87 30.57
CA LYS B 204 -23.68 -7.11 30.36
C LYS B 204 -23.39 -5.69 29.87
N GLU C 10 12.40 0.97 16.74
CA GLU C 10 11.45 0.56 15.69
C GLU C 10 10.65 1.73 15.07
N ASP C 11 10.63 2.90 15.75
CA ASP C 11 9.94 4.12 15.30
C ASP C 11 10.94 5.18 14.79
N MET C 12 12.01 4.71 14.13
CA MET C 12 13.12 5.52 13.62
C MET C 12 12.74 6.52 12.52
N LEU C 13 11.80 6.15 11.63
CA LEU C 13 11.42 7.01 10.52
C LEU C 13 10.50 8.18 10.91
N PRO C 14 10.78 9.41 10.41
CA PRO C 14 9.90 10.55 10.73
C PRO C 14 8.54 10.45 10.03
N ARG C 15 7.53 11.12 10.61
CA ARG C 15 6.15 11.15 10.10
C ARG C 15 6.00 11.95 8.82
N LEU C 16 4.99 11.61 8.01
CA LEU C 16 4.65 12.34 6.79
C LEU C 16 3.94 13.64 7.23
N ALA C 17 4.34 14.79 6.67
CA ALA C 17 3.78 16.10 7.00
C ALA C 17 2.36 16.30 6.46
N PRO C 18 1.40 16.78 7.28
CA PRO C 18 0.06 17.01 6.75
C PRO C 18 -0.05 18.31 5.94
N ARG C 19 -1.09 18.40 5.10
CA ARG C 19 -1.38 19.58 4.29
C ARG C 19 -2.52 20.35 4.98
N PRO C 20 -2.48 21.70 5.03
CA PRO C 20 -3.59 22.43 5.69
C PRO C 20 -4.87 22.44 4.86
N SER C 21 -5.99 22.04 5.48
CA SER C 21 -7.30 22.02 4.82
C SER C 21 -7.89 23.43 4.82
N ALA C 22 -7.60 24.19 3.76
CA ALA C 22 -8.07 25.58 3.61
C ALA C 22 -9.10 25.72 2.48
N ALA C 23 -10.16 24.89 2.52
CA ALA C 23 -11.24 24.91 1.53
C ALA C 23 -12.26 26.04 1.80
N VAL C 24 -11.83 27.29 1.53
CA VAL C 24 -12.61 28.51 1.72
C VAL C 24 -12.29 29.54 0.62
N PHE C 65 27.97 1.78 17.05
CA PHE C 65 27.31 2.90 16.40
C PHE C 65 26.04 3.38 17.13
N LYS C 66 25.55 2.61 18.12
CA LYS C 66 24.39 2.93 18.95
C LYS C 66 24.89 3.27 20.36
N ARG C 67 25.03 4.58 20.66
CA ARG C 67 25.52 5.08 21.95
C ARG C 67 24.39 5.33 22.94
N GLU C 68 24.26 4.46 23.96
CA GLU C 68 23.25 4.58 25.01
C GLU C 68 23.91 5.11 26.30
N ILE C 69 23.97 6.44 26.47
CA ILE C 69 24.57 7.08 27.64
C ILE C 69 23.51 7.23 28.75
N THR C 70 23.71 6.49 29.86
CA THR C 70 22.84 6.50 31.03
C THR C 70 23.44 7.45 32.07
N ASN C 71 22.71 8.54 32.39
CA ASN C 71 23.15 9.53 33.38
C ASN C 71 23.00 8.96 34.80
N ALA C 72 23.75 9.53 35.77
CA ALA C 72 23.79 9.11 37.18
C ALA C 72 22.42 8.93 37.86
N ASP C 73 21.48 9.88 37.62
CA ASP C 73 20.12 9.86 38.16
C ASP C 73 19.26 8.71 37.63
N GLY C 74 19.43 8.38 36.35
CA GLY C 74 18.68 7.32 35.67
C GLY C 74 18.18 7.74 34.30
N SER C 75 18.39 9.03 33.94
CA SER C 75 17.98 9.62 32.66
C SER C 75 18.84 9.05 31.52
N LYS C 76 18.19 8.51 30.48
CA LYS C 76 18.89 7.90 29.34
C LYS C 76 18.88 8.76 28.08
N ASP C 77 19.97 8.72 27.31
CA ASP C 77 20.13 9.41 26.03
C ASP C 77 20.72 8.42 25.02
N ILE C 78 19.94 8.09 23.98
CA ILE C 78 20.37 7.13 22.96
C ILE C 78 20.65 7.83 21.64
N TRP C 79 21.88 7.68 21.13
CA TRP C 79 22.31 8.21 19.85
C TRP C 79 22.24 7.09 18.83
N TYR C 80 21.54 7.33 17.72
CA TYR C 80 21.33 6.35 16.67
C TYR C 80 22.19 6.63 15.43
N PRO C 81 22.57 5.59 14.63
CA PRO C 81 23.42 5.82 13.44
C PRO C 81 22.83 6.74 12.37
N ASN C 82 21.48 6.75 12.23
CA ASN C 82 20.77 7.58 11.26
C ASN C 82 20.76 9.08 11.61
N GLY C 83 21.17 9.41 12.84
CA GLY C 83 21.24 10.79 13.33
C GLY C 83 20.19 11.13 14.37
N ASN C 84 19.34 10.16 14.73
CA ASN C 84 18.27 10.34 15.72
C ASN C 84 18.80 10.27 17.14
N LEU C 85 18.26 11.15 18.01
CA LEU C 85 18.59 11.19 19.42
C LEU C 85 17.33 11.01 20.25
N LYS C 86 17.29 9.95 21.06
CA LYS C 86 16.17 9.64 21.94
C LYS C 86 16.55 10.01 23.38
N LYS C 87 15.66 10.73 24.06
CA LYS C 87 15.83 11.14 25.46
C LYS C 87 14.76 10.46 26.29
N ILE C 88 15.16 9.83 27.40
CA ILE C 88 14.28 9.12 28.32
C ILE C 88 14.45 9.67 29.73
N SER C 89 13.33 9.99 30.40
CA SER C 89 13.30 10.47 31.77
C SER C 89 13.67 9.32 32.72
N ALA C 90 14.23 9.62 33.91
CA ALA C 90 14.63 8.63 34.91
C ALA C 90 13.53 7.59 35.22
N ASP C 91 12.26 8.05 35.28
CA ASP C 91 11.08 7.23 35.53
C ASP C 91 10.61 6.44 34.29
N GLY C 92 11.01 6.89 33.10
CA GLY C 92 10.68 6.27 31.82
C GLY C 92 9.27 6.56 31.33
N MET C 93 8.65 7.62 31.86
CA MET C 93 7.29 8.04 31.51
C MET C 93 7.29 9.20 30.50
N ASN C 94 8.43 9.88 30.36
CA ASN C 94 8.62 10.98 29.42
C ASN C 94 9.72 10.61 28.42
N LEU C 95 9.38 10.68 27.13
CA LEU C 95 10.27 10.35 26.02
C LEU C 95 10.32 11.52 25.04
N ARG C 96 11.50 11.78 24.44
CA ARG C 96 11.68 12.86 23.48
C ARG C 96 12.63 12.42 22.36
N MET C 97 12.08 12.23 21.15
CA MET C 97 12.85 11.82 19.97
C MET C 97 13.15 13.05 19.11
N LEU C 98 14.45 13.27 18.84
CA LEU C 98 14.94 14.35 18.00
C LEU C 98 15.45 13.71 16.70
N TYR C 99 14.64 13.79 15.64
CA TYR C 99 14.95 13.18 14.34
C TYR C 99 16.05 13.93 13.58
N PHE C 100 16.68 13.24 12.60
CA PHE C 100 17.74 13.79 11.74
C PHE C 100 17.27 15.00 10.92
N ASN C 101 15.95 15.07 10.60
CA ASN C 101 15.33 16.16 9.84
C ASN C 101 14.78 17.27 10.76
N LYS C 102 15.31 17.35 12.00
CA LYS C 102 14.98 18.33 13.06
C LYS C 102 13.55 18.17 13.63
N ASP C 103 12.80 17.12 13.22
CA ASP C 103 11.46 16.83 13.75
C ASP C 103 11.57 16.34 15.19
N ILE C 104 10.55 16.63 16.02
CA ILE C 104 10.52 16.24 17.44
C ILE C 104 9.27 15.41 17.76
N LYS C 105 9.42 14.34 18.57
CA LYS C 105 8.32 13.50 19.05
C LYS C 105 8.38 13.40 20.57
N GLU C 106 7.48 14.10 21.27
CA GLU C 106 7.39 14.09 22.74
C GLU C 106 6.27 13.13 23.16
N THR C 107 6.63 12.12 23.96
CA THR C 107 5.66 11.13 24.45
C THR C 107 5.52 11.24 25.96
N ASN C 108 4.30 11.58 26.42
CA ASN C 108 3.96 11.69 27.84
C ASN C 108 3.02 10.54 28.19
N ILE C 109 3.58 9.47 28.78
CA ILE C 109 2.85 8.24 29.16
C ILE C 109 1.76 8.53 30.21
N ARG C 110 2.05 9.40 31.20
CA ARG C 110 1.10 9.77 32.25
C ARG C 110 -0.13 10.49 31.69
N GLU C 111 0.10 11.49 30.81
CA GLU C 111 -0.97 12.25 30.17
C GLU C 111 -1.60 11.50 28.98
N GLY C 112 -0.91 10.47 28.48
CA GLY C 112 -1.35 9.67 27.34
C GLY C 112 -1.35 10.50 26.06
N THR C 113 -0.30 11.34 25.90
CA THR C 113 -0.14 12.27 24.80
C THR C 113 1.14 12.04 24.00
N VAL C 114 1.04 12.21 22.68
CA VAL C 114 2.14 12.14 21.71
C VAL C 114 2.08 13.50 20.98
N LYS C 115 3.13 14.31 21.13
CA LYS C 115 3.22 15.63 20.50
C LYS C 115 4.31 15.61 19.45
N TYR C 116 3.94 15.85 18.19
CA TYR C 116 4.87 15.83 17.07
C TYR C 116 5.08 17.21 16.45
N TYR C 117 6.34 17.55 16.13
CA TYR C 117 6.69 18.81 15.50
C TYR C 117 7.31 18.58 14.12
N TYR C 118 6.73 19.20 13.08
CA TYR C 118 7.22 19.11 11.70
C TYR C 118 8.07 20.34 11.44
N ALA C 119 9.40 20.16 11.40
CA ALA C 119 10.38 21.23 11.23
C ALA C 119 10.24 22.03 9.93
N GLU C 120 10.04 21.33 8.78
CA GLU C 120 9.91 21.93 7.46
C GLU C 120 8.71 22.88 7.32
N THR C 121 7.60 22.58 8.01
CA THR C 121 6.37 23.36 7.94
C THR C 121 6.06 24.17 9.21
N ASN C 122 6.84 23.97 10.31
CA ASN C 122 6.68 24.64 11.61
C ASN C 122 5.29 24.33 12.22
N THR C 123 4.85 23.06 12.05
CA THR C 123 3.54 22.56 12.48
C THR C 123 3.66 21.65 13.70
N TRP C 124 2.64 21.69 14.57
CA TRP C 124 2.52 20.89 15.77
C TRP C 124 1.28 20.00 15.68
N HIS C 125 1.46 18.68 15.90
CA HIS C 125 0.38 17.69 15.92
C HIS C 125 0.33 17.09 17.31
N THR C 126 -0.86 17.01 17.92
CA THR C 126 -1.02 16.45 19.27
C THR C 126 -2.08 15.36 19.26
N SER C 127 -1.75 14.20 19.83
CA SER C 127 -2.65 13.04 19.89
C SER C 127 -2.94 12.63 21.33
N TYR C 128 -4.23 12.36 21.62
CA TYR C 128 -4.72 11.97 22.94
C TYR C 128 -5.23 10.52 22.94
N LEU C 129 -5.21 9.87 24.11
CA LEU C 129 -5.62 8.48 24.32
C LEU C 129 -7.04 8.15 23.81
N ASP C 130 -8.00 9.08 23.95
CA ASP C 130 -9.39 8.89 23.50
C ASP C 130 -9.55 8.81 21.97
N GLY C 131 -8.69 9.52 21.24
CA GLY C 131 -8.70 9.55 19.78
C GLY C 131 -8.66 10.93 19.16
N LEU C 132 -8.69 11.99 20.00
CA LEU C 132 -8.64 13.37 19.52
C LEU C 132 -7.24 13.75 19.07
N GLU C 133 -7.16 14.43 17.93
CA GLU C 133 -5.93 14.93 17.33
C GLU C 133 -6.07 16.43 17.08
N ILE C 134 -5.05 17.22 17.46
CA ILE C 134 -5.06 18.67 17.24
C ILE C 134 -3.84 19.07 16.41
N LEU C 135 -4.10 19.68 15.25
CA LEU C 135 -3.10 20.21 14.33
C LEU C 135 -3.03 21.72 14.50
N GLU C 136 -1.83 22.27 14.67
CA GLU C 136 -1.59 23.69 14.87
C GLU C 136 -0.62 24.20 13.82
N PHE C 137 -1.16 24.79 12.73
CA PHE C 137 -0.36 25.34 11.64
C PHE C 137 0.22 26.73 12.03
N PRO C 138 1.40 27.14 11.51
CA PRO C 138 1.97 28.44 11.93
C PRO C 138 1.18 29.68 11.53
N ASN C 139 0.27 29.54 10.54
CA ASN C 139 -0.60 30.62 10.03
C ASN C 139 -1.84 30.90 10.90
N GLY C 140 -1.94 30.24 12.06
CA GLY C 140 -3.04 30.41 12.99
C GLY C 140 -4.17 29.40 12.87
N GLN C 141 -4.15 28.58 11.79
CA GLN C 141 -5.16 27.55 11.56
C GLN C 141 -4.99 26.36 12.51
N THR C 142 -6.10 25.91 13.13
CA THR C 142 -6.13 24.79 14.07
C THR C 142 -7.19 23.76 13.66
N GLU C 143 -6.74 22.52 13.37
CA GLU C 143 -7.62 21.44 12.94
C GLU C 143 -7.79 20.39 14.05
N HIS C 144 -9.05 20.12 14.44
CA HIS C 144 -9.43 19.15 15.47
C HIS C 144 -10.03 17.90 14.83
N ARG C 145 -9.38 16.75 14.95
CA ARG C 145 -9.92 15.49 14.42
C ARG C 145 -10.37 14.62 15.59
N ARG C 146 -11.69 14.56 15.81
CA ARG C 146 -12.32 13.80 16.88
C ARG C 146 -12.25 12.28 16.61
N LYS C 147 -12.51 11.46 17.66
CA LYS C 147 -12.48 9.99 17.61
C LYS C 147 -13.42 9.38 16.55
N ASP C 148 -14.56 10.04 16.27
CA ASP C 148 -15.57 9.63 15.29
C ASP C 148 -15.19 9.96 13.84
N GLY C 149 -14.15 10.77 13.66
CA GLY C 149 -13.65 11.17 12.35
C GLY C 149 -14.03 12.58 11.93
N THR C 150 -14.80 13.29 12.77
CA THR C 150 -15.25 14.66 12.51
C THR C 150 -14.08 15.64 12.61
N VAL C 151 -13.84 16.39 11.52
CA VAL C 151 -12.78 17.39 11.45
C VAL C 151 -13.39 18.79 11.66
N GLU C 152 -12.83 19.51 12.65
CA GLU C 152 -13.24 20.85 13.04
C GLU C 152 -12.08 21.81 12.75
N ILE C 153 -12.16 22.54 11.63
CA ILE C 153 -11.14 23.48 11.17
C ILE C 153 -11.43 24.89 11.70
N HIS C 154 -10.50 25.44 12.49
CA HIS C 154 -10.58 26.79 13.05
C HIS C 154 -9.66 27.68 12.20
N PHE C 155 -10.26 28.44 11.26
CA PHE C 155 -9.54 29.32 10.34
C PHE C 155 -8.91 30.56 11.04
N PRO C 156 -7.87 31.21 10.44
CA PRO C 156 -7.26 32.40 11.10
C PRO C 156 -8.21 33.57 11.31
N ASN C 157 -9.22 33.72 10.42
CA ASN C 157 -10.24 34.77 10.46
C ASN C 157 -11.38 34.46 11.47
N ASN C 158 -11.08 33.60 12.48
CA ASN C 158 -11.92 33.13 13.59
C ASN C 158 -13.18 32.35 13.17
N SER C 159 -13.31 31.98 11.87
CA SER C 159 -14.44 31.17 11.40
C SER C 159 -14.12 29.67 11.58
N ILE C 160 -15.14 28.88 11.92
CA ILE C 160 -15.01 27.44 12.17
C ILE C 160 -15.80 26.62 11.15
N LYS C 161 -15.14 25.62 10.53
CA LYS C 161 -15.73 24.70 9.56
C LYS C 161 -15.78 23.30 10.18
N ILE C 162 -16.99 22.74 10.32
CA ILE C 162 -17.21 21.40 10.89
C ILE C 162 -17.61 20.44 9.78
N VAL C 163 -16.68 19.56 9.37
CA VAL C 163 -16.88 18.58 8.30
C VAL C 163 -16.99 17.17 8.90
N ASP C 164 -18.04 16.44 8.54
CA ASP C 164 -18.29 15.07 9.00
C ASP C 164 -18.64 14.14 7.82
N PRO C 165 -17.74 13.21 7.43
CA PRO C 165 -18.07 12.28 6.32
C PRO C 165 -19.15 11.26 6.70
N SER C 166 -19.41 11.10 8.02
CA SER C 166 -20.42 10.21 8.61
C SER C 166 -21.84 10.63 8.21
N ASP C 167 -22.09 11.95 8.12
CA ASP C 167 -23.40 12.50 7.75
C ASP C 167 -23.63 12.45 6.24
N THR C 168 -24.60 11.60 5.82
CA THR C 168 -25.00 11.41 4.43
C THR C 168 -26.17 12.35 4.04
N GLU C 169 -26.48 13.32 4.94
CA GLU C 169 -27.54 14.33 4.79
C GLU C 169 -26.95 15.74 4.81
N LYS C 170 -25.92 15.97 5.65
CA LYS C 170 -25.19 17.23 5.80
C LYS C 170 -23.83 17.13 5.10
N LEU C 171 -23.19 18.29 4.80
CA LEU C 171 -21.88 18.33 4.16
C LEU C 171 -20.85 19.17 4.92
N GLU C 172 -21.14 20.46 5.08
CA GLU C 172 -20.25 21.41 5.75
C GLU C 172 -21.01 22.39 6.64
N GLU C 173 -20.66 22.43 7.92
CA GLU C 173 -21.25 23.30 8.94
C GLU C 173 -20.30 24.47 9.18
N TRP C 174 -20.85 25.69 9.31
CA TRP C 174 -20.05 26.91 9.52
C TRP C 174 -20.49 27.75 10.70
N ARG C 175 -19.52 28.16 11.54
CA ARG C 175 -19.72 29.03 12.70
C ARG C 175 -18.80 30.23 12.54
N TYR C 176 -19.36 31.44 12.54
CA TYR C 176 -18.59 32.68 12.34
C TYR C 176 -18.35 33.44 13.64
N ALA C 177 -17.34 34.34 13.64
CA ALA C 177 -16.93 35.16 14.79
C ALA C 177 -18.08 35.97 15.42
N ASP C 178 -18.97 36.54 14.57
CA ASP C 178 -20.15 37.32 14.99
C ASP C 178 -21.19 36.45 15.71
N GLY C 179 -21.38 35.23 15.22
CA GLY C 179 -22.32 34.27 15.80
C GLY C 179 -23.28 33.60 14.84
N THR C 180 -23.14 33.85 13.52
CA THR C 180 -24.03 33.25 12.53
C THR C 180 -23.65 31.78 12.29
N HIS C 181 -24.67 30.91 12.15
CA HIS C 181 -24.52 29.48 11.96
C HIS C 181 -25.12 29.04 10.61
N LEU C 182 -24.28 28.47 9.73
CA LEU C 182 -24.69 28.01 8.39
C LEU C 182 -24.56 26.49 8.27
N VAL C 183 -25.64 25.83 7.80
CA VAL C 183 -25.67 24.38 7.61
C VAL C 183 -25.96 24.08 6.14
N GLN C 184 -24.92 23.62 5.40
CA GLN C 184 -25.01 23.26 3.99
C GLN C 184 -25.29 21.75 3.87
N LEU C 185 -26.52 21.41 3.44
CA LEU C 185 -26.97 20.01 3.27
C LEU C 185 -26.52 19.42 1.93
N ARG C 186 -26.60 18.07 1.81
CA ARG C 186 -26.23 17.31 0.61
C ARG C 186 -27.13 17.65 -0.59
N ASN C 187 -28.46 17.72 -0.36
CA ASN C 187 -29.48 18.02 -1.38
C ASN C 187 -29.38 19.44 -1.98
N GLY C 188 -28.71 20.35 -1.26
CA GLY C 188 -28.53 21.73 -1.69
C GLY C 188 -29.13 22.77 -0.75
N ASP C 189 -30.06 22.34 0.11
CA ASP C 189 -30.76 23.17 1.11
C ASP C 189 -29.77 23.79 2.11
N LYS C 190 -30.07 25.02 2.57
CA LYS C 190 -29.22 25.75 3.51
C LYS C 190 -30.00 26.29 4.71
N ILE C 191 -29.49 26.04 5.93
CA ILE C 191 -30.09 26.53 7.17
C ILE C 191 -29.18 27.63 7.71
N LEU C 192 -29.71 28.86 7.85
CA LEU C 192 -28.95 30.02 8.31
C LEU C 192 -29.51 30.63 9.60
N ASN C 193 -28.83 30.37 10.73
CA ASN C 193 -29.18 30.86 12.06
C ASN C 193 -28.42 32.17 12.33
N LEU C 194 -29.04 33.31 11.97
CA LEU C 194 -28.48 34.66 12.07
C LEU C 194 -28.26 35.17 13.51
N PRO C 195 -27.30 36.11 13.76
CA PRO C 195 -27.12 36.63 15.13
C PRO C 195 -28.19 37.67 15.52
N ASN C 196 -29.10 37.98 14.57
CA ASN C 196 -30.23 38.90 14.75
C ASN C 196 -31.41 38.17 15.38
N GLY C 197 -31.33 36.84 15.43
CA GLY C 197 -32.36 35.96 15.97
C GLY C 197 -33.18 35.30 14.88
N GLN C 198 -32.91 35.65 13.60
CA GLN C 198 -33.60 35.14 12.42
C GLN C 198 -33.07 33.78 11.98
N LYS C 199 -33.96 32.91 11.47
CA LYS C 199 -33.62 31.58 10.98
C LYS C 199 -34.10 31.42 9.53
N GLU C 200 -33.15 31.24 8.59
CA GLU C 200 -33.43 31.08 7.16
C GLU C 200 -33.43 29.63 6.73
N ILE C 201 -34.40 29.25 5.88
CA ILE C 201 -34.55 27.90 5.33
C ILE C 201 -34.55 28.02 3.79
N HIS C 202 -33.52 27.46 3.14
CA HIS C 202 -33.34 27.50 1.69
C HIS C 202 -33.77 26.19 1.03
N THR C 203 -34.41 26.29 -0.15
CA THR C 203 -34.90 25.13 -0.93
C THR C 203 -34.86 25.46 -2.43
N LYS C 204 -34.65 24.42 -3.28
CA LYS C 204 -34.60 24.54 -4.74
C LYS C 204 -35.81 23.83 -5.36
C1 EDO D . -4.01 10.97 10.92
O1 EDO D . -4.25 12.34 11.14
C2 EDO D . -4.41 10.61 9.46
O2 EDO D . -3.69 11.44 8.57
#